data_4MHU
#
_entry.id   4MHU
#
_cell.length_a   78.165
_cell.length_b   87.519
_cell.length_c   96.045
_cell.angle_alpha   90.00
_cell.angle_beta   90.00
_cell.angle_gamma   90.00
#
_symmetry.space_group_name_H-M   'P 21 21 21'
#
loop_
_entity.id
_entity.type
_entity.pdbx_description
1 polymer 'Ectoine hydroxylase'
2 non-polymer 'FE (III) ION'
3 non-polymer N-DODECYL-N,N-DIMETHYLGLYCINATE
#
_entity_poly.entity_id   1
_entity_poly.type   'polypeptide(L)'
_entity_poly.pdbx_seq_one_letter_code
;HHHHHHSEMQDLYPSRQRADAEMRPRLDPVVHSEWTNDAPISARQAAAFDRDGYIVLEDIFSADEVAFLQKAAGNLLADP
AALDADTIVTEPQSNEIRSIFEIHAQSPVMARLAADARLADVARFLLGDEVYIHQSRLNYKPGFKGREFYWHSDFETWHV
EDGMPRMRALSMSVLLAENTPHNGPLMVIPGSHRTYLTCVGETPDDHYLSSLKKQEYGVPDEESLAELAHRHGIVAPTGK
PGTVILFDCNLMHGSNGNITPFPRANAFLVYNAVSNRLEKPFGVEKPRPWFLARRGEPAALRVERGPLVETVPA
;
_entity_poly.pdbx_strand_id   A,B
#
loop_
_chem_comp.id
_chem_comp.type
_chem_comp.name
_chem_comp.formula
D9G non-polymer N-DODECYL-N,N-DIMETHYLGLYCINATE 'C16 H33 N O2'
FE non-polymer 'FE (III) ION' 'Fe 3'
#
# COMPACT_ATOMS: atom_id res chain seq x y z
N GLN A 10 19.52 4.20 -6.41
CA GLN A 10 20.27 5.27 -5.70
C GLN A 10 19.39 6.50 -5.46
N ASP A 11 19.04 7.22 -6.54
CA ASP A 11 18.02 8.26 -6.48
C ASP A 11 16.75 7.62 -7.02
N LEU A 12 15.87 7.20 -6.12
CA LEU A 12 14.60 6.59 -6.53
C LEU A 12 13.58 7.61 -7.03
N TYR A 13 13.80 8.90 -6.76
CA TYR A 13 12.80 9.94 -6.99
C TYR A 13 13.41 11.20 -7.59
N PRO A 14 13.93 11.08 -8.83
CA PRO A 14 14.72 12.14 -9.40
C PRO A 14 13.82 13.21 -9.95
N SER A 15 14.17 14.46 -9.69
CA SER A 15 13.40 15.64 -10.08
C SER A 15 14.35 16.82 -10.28
N ARG A 16 13.94 17.82 -11.05
CA ARG A 16 14.81 18.98 -11.38
C ARG A 16 16.09 18.55 -12.14
N GLN A 17 15.92 17.81 -13.24
CA GLN A 17 17.05 17.27 -14.01
C GLN A 17 16.75 17.29 -15.51
N ARG A 18 15.60 16.75 -15.90
CA ARG A 18 15.07 16.90 -17.25
C ARG A 18 14.45 18.31 -17.40
N ALA A 19 14.10 18.66 -18.63
CA ALA A 19 13.31 19.87 -18.91
C ALA A 19 11.80 19.63 -18.79
N ASP A 20 11.32 18.47 -19.25
CA ASP A 20 9.88 18.11 -19.22
C ASP A 20 9.47 17.58 -17.84
N ALA A 21 8.17 17.51 -17.58
CA ALA A 21 7.70 17.01 -16.28
C ALA A 21 7.14 15.61 -16.42
N GLU A 22 7.42 14.77 -15.44
CA GLU A 22 7.01 13.37 -15.44
C GLU A 22 6.17 13.03 -14.23
N MET A 23 5.18 12.19 -14.44
CA MET A 23 4.45 11.57 -13.36
C MET A 23 5.00 10.17 -13.17
N ARG A 24 5.91 9.98 -12.21
CA ARG A 24 6.48 8.67 -11.90
C ARG A 24 5.63 7.96 -10.82
N PRO A 25 5.66 6.63 -10.81
CA PRO A 25 4.90 5.93 -9.79
C PRO A 25 5.53 6.04 -8.39
N ARG A 26 4.74 5.86 -7.33
CA ARG A 26 5.27 5.75 -5.96
C ARG A 26 5.91 4.38 -5.68
N LEU A 27 7.12 4.38 -5.12
CA LEU A 27 7.86 3.14 -4.85
C LEU A 27 8.01 2.79 -3.37
N ASP A 28 7.33 3.54 -2.51
CA ASP A 28 7.22 3.24 -1.08
C ASP A 28 5.76 2.97 -0.71
N PRO A 29 5.51 2.18 0.36
CA PRO A 29 4.21 2.09 0.94
C PRO A 29 3.78 3.47 1.39
N VAL A 30 2.49 3.61 1.59
CA VAL A 30 1.93 4.77 2.23
C VAL A 30 1.72 4.54 3.73
N VAL A 31 1.11 3.40 4.07
CA VAL A 31 1.02 2.92 5.46
C VAL A 31 2.06 1.83 5.72
N HIS A 32 3.06 2.10 6.58
CA HIS A 32 4.23 1.20 6.73
C HIS A 32 4.08 0.15 7.85
N SER A 33 2.83 -0.17 8.23
CA SER A 33 2.50 -1.13 9.32
C SER A 33 1.27 -1.94 8.99
N GLU A 34 1.24 -3.19 9.45
CA GLU A 34 0.03 -4.00 9.36
C GLU A 34 -0.90 -3.42 10.38
N TRP A 35 -2.19 -3.47 10.13
CA TRP A 35 -3.18 -3.02 11.10
C TRP A 35 -3.63 -4.18 12.00
N THR A 36 -3.89 -3.88 13.27
CA THR A 36 -4.33 -4.86 14.26
C THR A 36 -5.16 -4.08 15.26
N ASN A 37 -5.55 -4.72 16.35
CA ASN A 37 -6.34 -4.03 17.38
C ASN A 37 -5.46 -3.24 18.34
N ASP A 38 -4.14 -3.36 18.18
CA ASP A 38 -3.16 -2.54 18.88
C ASP A 38 -2.91 -1.18 18.26
N ALA A 39 -3.42 -0.93 17.06
CA ALA A 39 -3.10 0.31 16.39
C ALA A 39 -3.87 1.47 17.04
N PRO A 40 -3.26 2.67 17.09
CA PRO A 40 -3.91 3.83 17.67
C PRO A 40 -5.03 4.36 16.83
N ILE A 41 -5.26 3.77 15.68
CA ILE A 41 -6.35 4.18 14.80
C ILE A 41 -7.14 2.98 14.31
N SER A 42 -8.33 3.27 13.80
CA SER A 42 -9.21 2.23 13.28
C SER A 42 -8.69 1.67 11.96
N ALA A 43 -9.20 0.51 11.59
CA ALA A 43 -8.84 -0.10 10.30
C ALA A 43 -9.25 0.79 9.14
N ARG A 44 -10.47 1.33 9.20
CA ARG A 44 -10.95 2.28 8.19
C ARG A 44 -10.13 3.60 8.12
N GLN A 45 -9.64 4.12 9.24
CA GLN A 45 -8.82 5.32 9.17
C GLN A 45 -7.47 4.99 8.55
N ALA A 46 -6.94 3.82 8.82
CA ALA A 46 -5.67 3.46 8.22
C ALA A 46 -5.82 3.31 6.68
N ALA A 47 -7.00 2.86 6.27
CA ALA A 47 -7.27 2.57 4.87
C ALA A 47 -7.51 3.87 4.14
N ALA A 48 -8.15 4.81 4.81
CA ALA A 48 -8.38 6.12 4.27
C ALA A 48 -7.05 6.84 4.08
N PHE A 49 -6.11 6.62 4.98
CA PHE A 49 -4.83 7.29 4.88
C PHE A 49 -4.08 6.79 3.67
N ASP A 50 -4.16 5.48 3.47
CA ASP A 50 -3.44 4.83 2.40
C ASP A 50 -4.02 5.27 1.05
N ARG A 51 -5.33 5.40 1.00
CA ARG A 51 -6.05 5.62 -0.23
C ARG A 51 -6.02 7.12 -0.56
N ASP A 52 -6.32 7.97 0.41
CA ASP A 52 -6.40 9.42 0.22
C ASP A 52 -5.09 10.16 0.50
N GLY A 53 -4.23 9.60 1.33
CA GLY A 53 -3.02 10.32 1.69
C GLY A 53 -3.20 11.33 2.81
N TYR A 54 -4.39 11.39 3.42
CA TYR A 54 -4.60 12.23 4.56
C TYR A 54 -5.77 11.68 5.37
N ILE A 55 -5.85 12.09 6.63
CA ILE A 55 -7.03 11.87 7.49
C ILE A 55 -7.14 13.01 8.51
N VAL A 56 -8.35 13.23 9.03
CA VAL A 56 -8.58 14.27 10.03
C VAL A 56 -8.92 13.72 11.44
N LEU A 57 -8.12 14.05 12.48
CA LEU A 57 -8.47 13.64 13.87
C LEU A 57 -9.21 14.73 14.63
N GLU A 58 -10.41 14.39 15.15
CA GLU A 58 -11.24 15.32 15.87
C GLU A 58 -11.36 14.95 17.32
N ASP A 59 -11.59 15.94 18.17
CA ASP A 59 -11.88 15.72 19.59
C ASP A 59 -10.84 14.89 20.33
N ILE A 60 -9.56 15.05 20.04
CA ILE A 60 -8.54 14.27 20.75
C ILE A 60 -7.90 15.06 21.92
N PHE A 61 -8.02 16.38 21.88
CA PHE A 61 -7.57 17.24 22.95
C PHE A 61 -8.80 17.84 23.63
N SER A 62 -8.78 17.97 24.97
CA SER A 62 -9.91 18.59 25.70
C SER A 62 -10.00 20.07 25.44
N ALA A 63 -11.11 20.68 25.88
CA ALA A 63 -11.26 22.14 25.76
C ALA A 63 -10.12 22.91 26.43
N ASP A 64 -9.67 22.43 27.57
CA ASP A 64 -8.61 23.12 28.32
C ASP A 64 -7.27 23.02 27.62
N GLU A 65 -6.95 21.84 27.12
CA GLU A 65 -5.72 21.64 26.37
C GLU A 65 -5.69 22.51 25.13
N VAL A 66 -6.83 22.60 24.42
CA VAL A 66 -6.90 23.48 23.24
C VAL A 66 -6.68 24.95 23.64
N ALA A 67 -7.41 25.42 24.65
CA ALA A 67 -7.17 26.78 25.17
C ALA A 67 -5.71 26.97 25.64
N PHE A 68 -5.14 25.97 26.28
CA PHE A 68 -3.74 26.03 26.65
C PHE A 68 -2.83 26.24 25.44
N LEU A 69 -2.93 25.34 24.46
CA LEU A 69 -2.13 25.47 23.22
C LEU A 69 -2.37 26.80 22.49
N GLN A 70 -3.61 27.27 22.48
CA GLN A 70 -3.88 28.54 21.85
C GLN A 70 -3.15 29.62 22.60
N LYS A 71 -3.44 29.71 23.90
CA LYS A 71 -2.79 30.66 24.80
C LYS A 71 -1.27 30.67 24.61
N ALA A 72 -0.65 29.48 24.58
CA ALA A 72 0.80 29.37 24.39
C ALA A 72 1.31 29.91 23.04
N ALA A 73 0.58 29.63 21.96
CA ALA A 73 1.00 30.05 20.63
C ALA A 73 0.95 31.57 20.50
N GLY A 74 -0.15 32.13 21.00
CA GLY A 74 -0.25 33.56 21.21
C GLY A 74 1.01 34.16 21.85
N ASN A 75 1.50 33.57 22.95
CA ASN A 75 2.70 34.13 23.61
C ASN A 75 3.94 34.03 22.73
N LEU A 76 4.15 32.89 22.08
CA LEU A 76 5.29 32.77 21.18
C LEU A 76 5.26 33.81 20.07
N LEU A 77 4.08 34.03 19.53
CA LEU A 77 3.92 34.88 18.38
C LEU A 77 4.08 36.34 18.74
N ALA A 78 3.83 36.67 20.00
CA ALA A 78 3.90 38.05 20.48
C ALA A 78 5.25 38.39 21.13
N ASP A 79 6.22 37.50 21.01
CA ASP A 79 7.44 37.59 21.78
C ASP A 79 8.63 37.03 20.99
N PRO A 80 8.98 37.71 19.90
CA PRO A 80 10.10 37.37 19.01
C PRO A 80 11.50 37.72 19.57
N ALA A 81 11.55 38.60 20.57
CA ALA A 81 12.78 38.85 21.28
C ALA A 81 13.27 37.59 22.02
N ALA A 82 12.35 36.70 22.37
CA ALA A 82 12.72 35.55 23.19
C ALA A 82 13.27 34.37 22.37
N LEU A 83 13.40 34.53 21.06
CA LEU A 83 13.62 33.37 20.21
C LEU A 83 14.75 33.57 19.28
N ASP A 84 15.18 32.48 18.66
CA ASP A 84 16.29 32.54 17.76
C ASP A 84 15.91 33.22 16.45
N ALA A 85 16.47 34.41 16.23
CA ALA A 85 16.17 35.24 15.06
C ALA A 85 16.25 34.52 13.71
N ASP A 86 17.09 33.50 13.61
CA ASP A 86 17.21 32.71 12.38
C ASP A 86 15.85 32.04 12.03
N THR A 87 15.06 31.72 13.05
CA THR A 87 13.84 30.95 12.87
C THR A 87 12.58 31.78 12.57
N ILE A 88 12.69 33.10 12.55
CA ILE A 88 11.52 33.96 12.43
C ILE A 88 11.22 34.22 10.96
N VAL A 89 9.95 34.32 10.61
CA VAL A 89 9.52 34.75 9.26
C VAL A 89 8.47 35.85 9.40
N THR A 90 8.52 36.82 8.50
CA THR A 90 7.91 38.13 8.73
C THR A 90 7.24 38.73 7.51
N GLU A 91 6.31 39.63 7.78
CA GLU A 91 5.78 40.52 6.77
C GLU A 91 6.93 41.49 6.43
N PRO A 92 7.48 41.44 5.19
CA PRO A 92 8.54 42.37 4.80
C PRO A 92 8.10 43.33 3.67
N GLN A 93 7.83 44.62 3.91
CA GLN A 93 7.97 45.34 5.19
C GLN A 93 6.73 45.15 6.07
N SER A 94 6.54 46.02 7.07
CA SER A 94 5.71 45.72 8.27
C SER A 94 6.50 44.72 9.10
N ASN A 95 6.22 44.65 10.40
CA ASN A 95 7.05 43.87 11.31
C ASN A 95 6.36 42.63 11.89
N GLU A 96 5.45 42.08 11.09
CA GLU A 96 4.49 41.09 11.58
C GLU A 96 5.02 39.64 11.48
N ILE A 97 5.02 38.95 12.61
CA ILE A 97 5.37 37.53 12.67
C ILE A 97 4.43 36.67 11.85
N ARG A 98 4.96 35.89 10.93
CA ARG A 98 4.16 35.03 10.09
C ARG A 98 4.41 33.55 10.37
N SER A 99 5.68 33.13 10.45
CA SER A 99 6.02 31.79 10.90
C SER A 99 7.13 31.84 11.95
N ILE A 100 7.22 30.78 12.73
CA ILE A 100 8.35 30.49 13.61
C ILE A 100 8.78 29.04 13.39
N PHE A 101 9.96 28.79 12.80
CA PHE A 101 10.49 27.42 12.72
C PHE A 101 11.10 26.89 14.04
N GLU A 102 11.31 25.58 14.07
CA GLU A 102 11.92 24.89 15.19
C GLU A 102 11.30 25.20 16.52
N ILE A 103 10.00 25.50 16.54
CA ILE A 103 9.23 25.61 17.80
C ILE A 103 9.31 24.40 18.65
N HIS A 104 9.52 23.23 18.07
CA HIS A 104 9.58 22.06 18.92
C HIS A 104 10.79 22.07 19.86
N ALA A 105 11.89 22.68 19.40
CA ALA A 105 13.11 22.86 20.21
C ALA A 105 13.03 24.11 21.10
N GLN A 106 12.39 25.17 20.62
CA GLN A 106 12.34 26.45 21.33
C GLN A 106 11.16 26.59 22.30
N SER A 107 10.20 25.67 22.26
CA SER A 107 9.00 25.83 23.05
C SER A 107 8.68 24.58 23.80
N PRO A 108 8.90 24.59 25.13
CA PRO A 108 8.72 23.37 25.91
C PRO A 108 7.30 22.80 25.79
N VAL A 109 6.35 23.70 25.59
CA VAL A 109 4.95 23.34 25.34
C VAL A 109 4.72 22.66 24.00
N MET A 110 5.28 23.20 22.93
CA MET A 110 5.19 22.58 21.62
C MET A 110 6.07 21.36 21.54
N ALA A 111 7.15 21.35 22.31
CA ALA A 111 8.00 20.16 22.42
C ALA A 111 7.15 19.01 22.98
N ARG A 112 6.37 19.31 24.00
CA ARG A 112 5.49 18.33 24.64
C ARG A 112 4.34 17.93 23.74
N LEU A 113 3.89 18.87 22.90
CA LEU A 113 2.86 18.55 21.92
C LEU A 113 3.35 17.46 20.94
N ALA A 114 4.48 17.72 20.30
CA ALA A 114 5.10 16.80 19.35
C ALA A 114 5.21 15.40 19.92
N ALA A 115 5.48 15.32 21.22
CA ALA A 115 5.74 14.04 21.89
C ALA A 115 4.48 13.37 22.40
N ASP A 116 3.33 14.04 22.35
CA ASP A 116 2.13 13.47 22.90
C ASP A 116 1.80 12.18 22.15
N ALA A 117 1.31 11.18 22.89
CA ALA A 117 1.13 9.85 22.33
C ALA A 117 0.09 9.94 21.26
N ARG A 118 -0.96 10.69 21.54
CA ARG A 118 -2.09 10.82 20.62
C ARG A 118 -1.67 11.32 19.22
N LEU A 119 -0.45 11.89 19.11
CA LEU A 119 0.11 12.25 17.82
C LEU A 119 1.28 11.34 17.44
N ALA A 120 2.23 11.16 18.34
CA ALA A 120 3.43 10.38 18.08
C ALA A 120 3.14 8.90 17.84
N ASP A 121 2.15 8.34 18.53
CA ASP A 121 1.85 6.92 18.32
C ASP A 121 1.22 6.66 16.97
N VAL A 122 0.32 7.56 16.54
CA VAL A 122 -0.18 7.54 15.19
C VAL A 122 0.95 7.60 14.12
N ALA A 123 1.92 8.47 14.33
CA ALA A 123 3.04 8.58 13.41
C ALA A 123 3.92 7.35 13.36
N ARG A 124 4.20 6.76 14.52
CA ARG A 124 5.04 5.55 14.60
C ARG A 124 4.34 4.41 13.89
N PHE A 125 3.02 4.27 14.09
CA PHE A 125 2.22 3.29 13.36
C PHE A 125 2.29 3.53 11.85
N LEU A 126 1.84 4.70 11.41
CA LEU A 126 1.75 5.00 9.99
C LEU A 126 3.11 4.93 9.32
N LEU A 127 4.12 5.45 10.01
CA LEU A 127 5.47 5.39 9.49
C LEU A 127 6.16 4.07 9.81
N GLY A 128 5.47 3.18 10.52
CA GLY A 128 6.03 1.87 10.90
C GLY A 128 7.46 1.93 11.38
N ASP A 129 7.71 2.74 12.42
CA ASP A 129 9.08 2.99 12.88
C ASP A 129 9.06 3.95 14.05
N GLU A 130 10.20 4.10 14.72
CA GLU A 130 10.35 5.19 15.68
C GLU A 130 10.51 6.43 14.80
N VAL A 131 10.26 7.60 15.38
CA VAL A 131 10.24 8.85 14.63
C VAL A 131 10.97 9.97 15.34
N TYR A 132 11.26 11.01 14.56
CA TYR A 132 11.82 12.26 15.05
C TYR A 132 11.22 13.43 14.21
N ILE A 133 11.31 14.66 14.70
CA ILE A 133 10.75 15.78 13.97
C ILE A 133 11.72 16.24 12.91
N HIS A 134 11.30 16.24 11.66
CA HIS A 134 12.14 16.73 10.58
C HIS A 134 12.06 18.24 10.55
N GLN A 135 10.94 18.79 10.97
CA GLN A 135 10.67 20.22 10.90
C GLN A 135 9.42 20.52 11.70
N SER A 136 9.39 21.68 12.32
CA SER A 136 8.20 22.16 12.98
C SER A 136 7.96 23.64 12.67
N ARG A 137 6.70 24.07 12.68
CA ARG A 137 6.36 25.49 12.53
C ARG A 137 5.20 25.89 13.39
N LEU A 138 5.26 27.08 13.95
CA LEU A 138 4.06 27.75 14.40
C LEU A 138 3.72 28.82 13.36
N ASN A 139 2.49 28.77 12.83
CA ASN A 139 2.02 29.64 11.72
C ASN A 139 0.83 30.51 12.06
N TYR A 140 0.93 31.76 11.65
CA TYR A 140 -0.13 32.74 11.76
C TYR A 140 -0.33 33.43 10.42
N LYS A 141 -1.41 33.09 9.72
CA LYS A 141 -1.89 33.84 8.56
C LYS A 141 -3.00 34.82 9.04
N PRO A 142 -2.75 36.13 9.00
CA PRO A 142 -3.75 37.08 9.54
C PRO A 142 -4.97 37.20 8.63
N GLY A 143 -6.00 37.92 9.05
CA GLY A 143 -7.12 38.22 8.17
C GLY A 143 -6.73 39.28 7.12
N PHE A 144 -7.59 39.46 6.13
CA PHE A 144 -7.52 40.56 5.17
C PHE A 144 -6.41 40.49 4.19
N LYS A 145 -5.26 39.97 4.58
CA LYS A 145 -4.04 40.17 3.79
C LYS A 145 -3.22 38.90 3.68
N GLY A 146 -3.92 37.76 3.79
CA GLY A 146 -3.28 36.46 3.87
C GLY A 146 -2.96 35.96 2.49
N ARG A 147 -1.72 35.54 2.29
CA ARG A 147 -1.22 35.03 1.02
C ARG A 147 -1.72 33.61 0.71
N GLU A 148 -1.78 33.31 -0.57
CA GLU A 148 -1.90 31.96 -1.06
C GLU A 148 -0.57 31.25 -0.89
N PHE A 149 -0.62 29.95 -0.61
CA PHE A 149 0.52 29.06 -0.79
C PHE A 149 0.16 28.16 -1.99
N TYR A 150 0.98 28.19 -3.04
CA TYR A 150 0.68 27.48 -4.28
C TYR A 150 0.94 26.01 -4.11
N TRP A 151 0.29 25.22 -4.97
CA TRP A 151 0.38 23.76 -4.97
C TRP A 151 1.82 23.27 -4.99
N HIS A 152 2.13 22.30 -4.12
CA HIS A 152 3.46 21.69 -4.05
C HIS A 152 3.40 20.37 -3.30
N SER A 153 4.38 19.51 -3.59
CA SER A 153 4.62 18.34 -2.76
C SER A 153 5.80 18.51 -1.84
N ASP A 154 5.55 18.53 -0.53
CA ASP A 154 6.64 18.65 0.42
C ASP A 154 7.78 17.72 0.07
N PHE A 155 7.49 16.47 -0.20
CA PHE A 155 8.57 15.49 -0.40
C PHE A 155 9.52 15.83 -1.54
N GLU A 156 8.97 16.38 -2.62
CA GLU A 156 9.80 16.71 -3.78
C GLU A 156 10.90 17.66 -3.34
N THR A 157 10.57 18.61 -2.48
CA THR A 157 11.61 19.52 -1.91
C THR A 157 12.48 18.82 -0.88
N TRP A 158 11.87 18.02 -0.02
CA TRP A 158 12.62 17.39 1.06
C TRP A 158 13.67 16.48 0.47
N HIS A 159 13.29 15.79 -0.59
CA HIS A 159 14.22 14.91 -1.32
C HIS A 159 15.31 15.74 -1.94
N VAL A 160 14.92 16.61 -2.85
CA VAL A 160 15.87 17.31 -3.70
C VAL A 160 16.73 18.25 -2.89
N GLU A 161 16.12 19.09 -2.08
CA GLU A 161 16.85 20.08 -1.32
C GLU A 161 17.42 19.56 0.00
N ASP A 162 16.79 18.58 0.62
CA ASP A 162 17.19 18.16 1.97
C ASP A 162 17.75 16.76 2.09
N GLY A 163 17.60 15.95 1.05
CA GLY A 163 18.16 14.61 1.05
C GLY A 163 17.30 13.55 1.69
N MET A 164 16.05 13.89 2.02
CA MET A 164 15.09 12.88 2.47
C MET A 164 14.92 11.85 1.36
N PRO A 165 15.35 10.59 1.60
CA PRO A 165 15.43 9.65 0.47
C PRO A 165 14.16 8.88 0.11
N ARG A 166 13.30 8.56 1.07
CA ARG A 166 12.06 7.81 0.80
C ARG A 166 10.79 8.52 1.26
N MET A 167 9.68 8.16 0.63
CA MET A 167 8.42 8.72 1.06
C MET A 167 8.01 8.03 2.34
N ARG A 168 8.59 8.46 3.46
CA ARG A 168 8.42 7.76 4.72
C ARG A 168 8.31 8.81 5.83
N ALA A 169 7.48 9.82 5.57
CA ALA A 169 7.24 10.89 6.54
C ALA A 169 5.85 11.47 6.38
N LEU A 170 5.38 12.15 7.43
CA LEU A 170 4.09 12.72 7.38
C LEU A 170 3.98 14.05 8.15
N SER A 171 3.16 14.98 7.65
CA SER A 171 2.97 16.28 8.29
C SER A 171 1.70 16.25 9.10
N MET A 172 1.73 16.96 10.23
CA MET A 172 0.58 17.07 11.13
C MET A 172 0.30 18.52 11.42
N SER A 173 -0.91 18.94 11.11
CA SER A 173 -1.25 20.31 11.25
C SER A 173 -2.30 20.32 12.33
N VAL A 174 -1.91 20.89 13.47
CA VAL A 174 -2.80 21.12 14.62
C VAL A 174 -3.44 22.51 14.53
N LEU A 175 -4.74 22.56 14.26
CA LEU A 175 -5.42 23.83 14.03
C LEU A 175 -5.55 24.54 15.36
N LEU A 176 -5.34 25.86 15.37
CA LEU A 176 -5.42 26.66 16.58
C LEU A 176 -6.43 27.80 16.44
N ALA A 177 -6.64 28.28 15.25
CA ALA A 177 -7.84 29.04 15.00
C ALA A 177 -8.77 28.19 14.14
N GLU A 178 -10.02 28.55 14.13
CA GLU A 178 -10.95 27.90 13.24
C GLU A 178 -10.56 28.01 11.75
N ASN A 179 -10.72 26.89 11.04
CA ASN A 179 -10.71 26.87 9.55
C ASN A 179 -12.15 26.72 9.05
N THR A 180 -12.68 27.78 8.42
CA THR A 180 -14.02 27.74 7.82
C THR A 180 -13.70 27.40 6.40
N PRO A 181 -14.70 27.19 5.57
CA PRO A 181 -14.26 27.05 4.19
C PRO A 181 -13.76 28.38 3.60
N HIS A 182 -13.98 29.48 4.30
CA HIS A 182 -13.89 30.78 3.68
C HIS A 182 -12.55 31.47 3.83
N ASN A 183 -11.68 31.03 4.74
CA ASN A 183 -10.43 31.74 5.05
C ASN A 183 -9.15 31.00 4.62
N GLY A 184 -9.19 30.47 3.40
CA GLY A 184 -8.06 29.80 2.77
C GLY A 184 -7.58 28.61 3.55
N PRO A 185 -8.47 27.64 3.79
CA PRO A 185 -7.97 26.44 4.48
C PRO A 185 -7.10 25.61 3.54
N LEU A 186 -6.22 24.82 4.12
CA LEU A 186 -5.38 23.91 3.38
C LEU A 186 -6.24 23.05 2.48
N MET A 187 -5.82 22.88 1.23
CA MET A 187 -6.58 22.14 0.21
C MET A 187 -5.75 20.95 -0.28
N VAL A 188 -6.37 19.79 -0.53
CA VAL A 188 -5.59 18.65 -0.99
C VAL A 188 -6.18 18.04 -2.21
N ILE A 189 -5.37 17.28 -2.92
CA ILE A 189 -5.83 16.47 -4.01
C ILE A 189 -5.68 15.01 -3.58
N PRO A 190 -6.79 14.40 -3.12
CA PRO A 190 -6.76 13.04 -2.57
C PRO A 190 -6.24 12.06 -3.59
N GLY A 191 -5.38 11.14 -3.16
CA GLY A 191 -4.76 10.20 -4.11
C GLY A 191 -3.45 10.72 -4.73
N SER A 192 -3.21 12.04 -4.73
CA SER A 192 -2.03 12.55 -5.42
C SER A 192 -0.73 12.01 -4.85
N HIS A 193 -0.74 11.63 -3.58
CA HIS A 193 0.44 11.01 -2.96
C HIS A 193 1.00 9.73 -3.64
N ARG A 194 0.20 9.02 -4.45
CA ARG A 194 0.70 7.85 -5.23
C ARG A 194 1.35 8.18 -6.56
N THR A 195 1.46 9.46 -6.90
CA THR A 195 2.17 9.87 -8.12
C THR A 195 3.24 10.81 -7.67
N TYR A 196 4.45 10.61 -8.15
CA TYR A 196 5.51 11.58 -7.91
C TYR A 196 5.53 12.43 -9.15
N LEU A 197 5.24 13.71 -8.97
CA LEU A 197 5.28 14.67 -10.06
C LEU A 197 6.61 15.35 -10.02
N THR A 198 7.41 15.15 -11.05
CA THR A 198 8.72 15.83 -11.12
C THR A 198 8.54 17.29 -11.54
N CYS A 199 9.37 18.15 -10.97
CA CYS A 199 9.45 19.54 -11.41
C CYS A 199 10.62 19.77 -12.38
N VAL A 200 10.43 20.75 -13.30
CA VAL A 200 11.46 21.23 -14.24
C VAL A 200 12.39 22.26 -13.60
N GLY A 218 11.22 24.77 -6.94
CA GLY A 218 10.67 23.67 -7.75
C GLY A 218 9.15 23.63 -7.65
N VAL A 219 8.48 24.13 -8.68
CA VAL A 219 7.03 24.35 -8.69
C VAL A 219 6.38 23.37 -9.67
N PRO A 220 5.31 22.69 -9.25
CA PRO A 220 4.70 21.77 -10.23
C PRO A 220 4.14 22.58 -11.36
N ASP A 221 3.73 21.93 -12.46
CA ASP A 221 3.28 22.64 -13.67
C ASP A 221 1.81 22.53 -13.85
N GLU A 222 1.23 23.54 -14.53
CA GLU A 222 -0.23 23.63 -14.68
C GLU A 222 -0.92 22.39 -15.27
N GLU A 223 -0.32 21.77 -16.28
CA GLU A 223 -1.04 20.70 -16.99
C GLU A 223 -1.12 19.46 -16.11
N SER A 224 -0.02 19.17 -15.43
CA SER A 224 0.03 18.07 -14.51
C SER A 224 -0.99 18.33 -13.40
N LEU A 225 -0.93 19.53 -12.81
CA LEU A 225 -1.88 19.85 -11.76
C LEU A 225 -3.32 19.65 -12.21
N ALA A 226 -3.66 20.18 -13.37
CA ALA A 226 -5.02 20.02 -13.89
C ALA A 226 -5.38 18.55 -14.00
N GLU A 227 -4.40 17.75 -14.41
CA GLU A 227 -4.63 16.34 -14.66
C GLU A 227 -5.00 15.66 -13.34
N LEU A 228 -4.16 15.87 -12.32
CA LEU A 228 -4.41 15.35 -10.98
C LEU A 228 -5.77 15.74 -10.43
N ALA A 229 -6.08 17.03 -10.53
CA ALA A 229 -7.34 17.53 -9.95
C ALA A 229 -8.57 17.02 -10.67
N HIS A 230 -8.44 16.81 -11.98
CA HIS A 230 -9.54 16.24 -12.76
C HIS A 230 -9.77 14.75 -12.37
N ARG A 231 -8.70 13.99 -12.25
CA ARG A 231 -8.81 12.60 -11.89
C ARG A 231 -9.39 12.45 -10.48
N HIS A 232 -8.92 13.29 -9.54
CA HIS A 232 -9.07 13.09 -8.09
C HIS A 232 -9.92 14.08 -7.32
N GLY A 233 -10.16 15.25 -7.89
CA GLY A 233 -10.88 16.29 -7.18
C GLY A 233 -10.06 17.00 -6.12
N ILE A 234 -10.73 17.89 -5.41
CA ILE A 234 -10.11 18.65 -4.35
C ILE A 234 -10.94 18.58 -3.07
N VAL A 235 -10.27 18.62 -1.93
CA VAL A 235 -10.99 18.60 -0.66
C VAL A 235 -10.22 19.48 0.27
N ALA A 236 -10.93 20.29 1.03
CA ALA A 236 -10.30 21.22 1.93
C ALA A 236 -10.89 20.99 3.28
N PRO A 237 -10.30 20.10 4.04
CA PRO A 237 -10.86 19.76 5.34
C PRO A 237 -10.82 20.90 6.37
N THR A 238 -11.96 21.12 7.03
CA THR A 238 -12.13 22.15 8.04
C THR A 238 -12.19 21.53 9.45
N GLY A 239 -12.38 22.35 10.46
CA GLY A 239 -12.38 21.89 11.84
C GLY A 239 -12.19 22.98 12.88
N LYS A 240 -12.65 22.69 14.09
CA LYS A 240 -12.51 23.62 15.21
C LYS A 240 -11.11 23.50 15.77
N PRO A 241 -10.66 24.51 16.54
CA PRO A 241 -9.31 24.48 17.07
C PRO A 241 -9.02 23.18 17.81
N GLY A 242 -7.84 22.63 17.58
CA GLY A 242 -7.46 21.35 18.20
C GLY A 242 -7.64 20.16 17.25
N THR A 243 -8.38 20.35 16.17
CA THR A 243 -8.41 19.32 15.16
C THR A 243 -7.05 19.13 14.51
N VAL A 244 -6.73 17.88 14.22
CA VAL A 244 -5.48 17.54 13.60
C VAL A 244 -5.65 16.94 12.19
N ILE A 245 -4.97 17.53 11.22
CA ILE A 245 -4.95 17.07 9.84
C ILE A 245 -3.59 16.46 9.60
N LEU A 246 -3.56 15.17 9.25
CA LEU A 246 -2.32 14.43 8.96
C LEU A 246 -2.27 14.20 7.48
N PHE A 247 -1.11 14.40 6.85
CA PHE A 247 -0.98 14.00 5.46
C PHE A 247 0.36 13.43 5.12
N ASP A 248 0.34 12.48 4.21
CA ASP A 248 1.55 11.97 3.59
C ASP A 248 2.47 13.10 3.08
N CYS A 249 3.78 12.88 3.19
CA CYS A 249 4.81 13.86 2.74
C CYS A 249 4.71 14.27 1.27
N ASN A 250 4.11 13.41 0.42
CA ASN A 250 4.03 13.66 -1.03
C ASN A 250 2.61 14.01 -1.52
N LEU A 251 1.69 14.28 -0.60
CA LEU A 251 0.37 14.75 -0.98
C LEU A 251 0.52 16.15 -1.61
N MET A 252 -0.15 16.36 -2.74
CA MET A 252 -0.11 17.63 -3.42
C MET A 252 -1.13 18.50 -2.74
N HIS A 253 -0.68 19.65 -2.24
CA HIS A 253 -1.55 20.54 -1.50
C HIS A 253 -1.18 21.99 -1.56
N GLY A 254 -2.10 22.81 -1.08
CA GLY A 254 -1.91 24.28 -1.06
C GLY A 254 -3.13 25.02 -0.57
N SER A 255 -3.21 26.31 -0.74
CA SER A 255 -4.29 27.05 -0.16
C SER A 255 -4.47 28.41 -0.81
N ASN A 256 -5.72 28.85 -0.90
CA ASN A 256 -6.00 30.21 -1.36
C ASN A 256 -5.57 31.25 -0.30
N GLY A 257 -5.55 32.50 -0.70
CA GLY A 257 -5.41 33.59 0.23
C GLY A 257 -6.64 33.67 1.11
N ASN A 258 -6.71 34.76 1.87
CA ASN A 258 -7.78 34.97 2.79
C ASN A 258 -8.02 36.47 3.00
N ILE A 259 -9.10 36.96 2.40
CA ILE A 259 -9.56 38.31 2.63
C ILE A 259 -10.44 38.40 3.89
N THR A 260 -10.77 37.27 4.54
CA THR A 260 -11.72 37.36 5.65
C THR A 260 -11.05 37.97 6.85
N PRO A 261 -11.84 38.46 7.84
CA PRO A 261 -11.30 38.91 9.12
C PRO A 261 -10.79 37.76 9.99
N PHE A 262 -10.97 36.51 9.55
CA PHE A 262 -10.73 35.36 10.41
C PHE A 262 -9.37 34.76 10.11
N PRO A 263 -8.46 34.82 11.09
CA PRO A 263 -7.11 34.39 10.82
C PRO A 263 -6.98 32.87 10.82
N ARG A 264 -5.92 32.40 10.18
CA ARG A 264 -5.52 31.02 10.28
C ARG A 264 -4.30 30.93 11.18
N ALA A 265 -4.27 29.90 12.02
CA ALA A 265 -3.12 29.60 12.84
C ALA A 265 -3.06 28.11 13.11
N ASN A 266 -1.91 27.51 12.90
CA ASN A 266 -1.73 26.10 13.23
C ASN A 266 -0.32 25.86 13.72
N ALA A 267 -0.12 24.71 14.36
CA ALA A 267 1.22 24.21 14.65
C ALA A 267 1.48 23.09 13.63
N PHE A 268 2.61 23.14 12.94
CA PHE A 268 2.87 22.24 11.82
C PHE A 268 4.00 21.33 12.25
N LEU A 269 3.77 20.02 12.31
CA LEU A 269 4.79 19.07 12.76
C LEU A 269 5.07 18.02 11.72
N VAL A 270 6.31 17.89 11.27
CA VAL A 270 6.66 16.85 10.31
C VAL A 270 7.40 15.71 10.97
N TYR A 271 6.82 14.51 10.94
CA TYR A 271 7.44 13.33 11.51
C TYR A 271 8.12 12.54 10.44
N ASN A 272 9.34 12.10 10.71
CA ASN A 272 10.08 11.23 9.81
C ASN A 272 10.50 9.99 10.57
N ALA A 273 10.45 8.86 9.88
CA ALA A 273 11.03 7.62 10.40
C ALA A 273 12.52 7.85 10.67
N VAL A 274 13.04 7.32 11.77
CA VAL A 274 14.50 7.44 12.03
C VAL A 274 15.33 6.67 11.01
N SER A 275 14.82 5.55 10.54
CA SER A 275 15.49 4.84 9.46
C SER A 275 15.51 5.63 8.12
N ASN A 276 14.73 6.70 8.02
CA ASN A 276 14.65 7.47 6.79
C ASN A 276 15.43 8.76 6.93
N ARG A 277 16.48 8.77 7.75
CA ARG A 277 17.28 9.98 7.98
C ARG A 277 17.87 10.57 6.68
N LEU A 278 18.16 11.87 6.74
CA LEU A 278 18.63 12.65 5.60
C LEU A 278 20.01 12.23 5.15
N GLU A 279 20.20 12.26 3.85
CA GLU A 279 21.50 12.11 3.24
C GLU A 279 21.90 13.44 2.60
N LYS A 280 22.85 13.39 1.68
CA LYS A 280 23.25 14.58 0.96
C LYS A 280 22.14 14.81 -0.06
N PRO A 281 21.76 16.07 -0.29
CA PRO A 281 20.63 16.42 -1.15
C PRO A 281 20.72 15.83 -2.53
N PHE A 282 19.58 15.38 -3.06
CA PHE A 282 19.51 14.82 -4.42
C PHE A 282 19.37 15.97 -5.42
N GLY A 283 20.42 16.78 -5.50
CA GLY A 283 20.41 18.08 -6.17
C GLY A 283 21.69 18.79 -5.75
N VAL A 284 21.75 20.11 -5.90
CA VAL A 284 23.04 20.85 -5.87
C VAL A 284 23.67 21.33 -4.53
N GLU A 285 22.86 21.64 -3.49
CA GLU A 285 23.40 22.19 -2.20
C GLU A 285 24.30 21.23 -1.41
N ARG A 288 20.96 23.84 2.79
CA ARG A 288 19.65 24.40 3.27
C ARG A 288 19.54 24.65 4.81
N PRO A 289 19.30 25.90 5.24
CA PRO A 289 19.43 26.26 6.68
C PRO A 289 18.91 25.23 7.68
N TRP A 290 19.66 25.03 8.76
CA TRP A 290 19.39 24.03 9.79
C TRP A 290 17.98 24.00 10.33
N PHE A 291 17.34 25.17 10.45
CA PHE A 291 15.97 25.25 11.02
C PHE A 291 14.82 24.72 10.14
N LEU A 292 15.11 24.52 8.84
CA LEU A 292 14.21 23.91 7.89
C LEU A 292 14.27 22.39 7.88
N ALA A 293 15.34 21.80 8.43
CA ALA A 293 15.49 20.34 8.43
C ALA A 293 16.63 19.87 9.31
N ARG A 294 16.31 18.94 10.22
CA ARG A 294 17.28 18.31 11.09
C ARG A 294 18.17 17.39 10.24
N ARG A 295 19.24 17.96 9.67
CA ARG A 295 20.18 17.23 8.79
C ARG A 295 20.96 16.16 9.55
N GLY A 296 21.08 16.36 10.86
CA GLY A 296 21.86 15.52 11.81
C GLY A 296 21.96 13.97 11.57
N GLU A 297 22.22 13.23 12.65
CA GLU A 297 22.10 11.76 12.71
C GLU A 297 21.25 11.49 13.94
N PRO A 298 19.96 11.86 13.88
CA PRO A 298 19.13 12.10 15.06
C PRO A 298 18.59 10.84 15.68
N ALA A 299 17.89 11.03 16.80
CA ALA A 299 17.43 9.95 17.67
C ALA A 299 15.90 9.97 17.95
N ALA A 300 15.38 8.83 18.41
CA ALA A 300 13.95 8.67 18.51
C ALA A 300 13.36 9.56 19.57
N LEU A 301 12.31 10.25 19.16
CA LEU A 301 11.50 11.06 20.04
C LEU A 301 10.89 10.16 21.13
N ARG A 302 10.87 10.64 22.37
CA ARG A 302 10.31 9.80 23.43
C ARG A 302 8.87 10.19 23.69
N VAL A 303 7.98 9.25 23.47
CA VAL A 303 6.55 9.49 23.61
C VAL A 303 6.14 9.82 25.07
N GLU A 304 5.42 10.91 25.29
CA GLU A 304 4.82 11.23 26.62
C GLU A 304 3.29 11.03 26.59
N ARG A 305 2.69 10.50 27.68
CA ARG A 305 1.24 10.23 27.73
C ARG A 305 0.57 11.14 28.79
N GLY A 306 -0.74 11.10 28.85
CA GLY A 306 -1.46 11.96 29.78
C GLY A 306 -1.58 13.37 29.29
N PRO A 307 -2.50 14.16 29.88
CA PRO A 307 -2.89 15.46 29.37
C PRO A 307 -1.75 16.45 29.31
N LEU A 308 -2.01 17.59 28.71
CA LEU A 308 -0.98 18.63 28.56
C LEU A 308 -0.99 19.64 29.72
N VAL A 309 -2.08 19.71 30.47
CA VAL A 309 -2.21 20.76 31.48
C VAL A 309 -2.97 20.32 32.76
N GLN B 10 -13.08 -8.88 14.95
CA GLN B 10 -12.43 -10.15 14.48
C GLN B 10 -12.63 -10.46 12.97
N ASP B 11 -13.85 -10.35 12.44
CA ASP B 11 -14.08 -10.61 11.00
C ASP B 11 -14.09 -9.30 10.23
N LEU B 12 -13.00 -9.04 9.53
CA LEU B 12 -12.81 -7.78 8.79
C LEU B 12 -13.32 -7.86 7.37
N TYR B 13 -13.68 -9.06 6.92
CA TYR B 13 -14.09 -9.29 5.53
C TYR B 13 -15.39 -10.14 5.45
N PRO B 14 -16.44 -9.65 6.09
CA PRO B 14 -17.68 -10.40 6.08
C PRO B 14 -18.24 -10.54 4.65
N SER B 15 -18.83 -11.69 4.34
CA SER B 15 -19.32 -11.98 3.01
C SER B 15 -20.33 -13.11 3.15
N ARG B 16 -21.27 -13.21 2.20
CA ARG B 16 -22.39 -14.19 2.24
C ARG B 16 -23.42 -13.98 3.34
N GLN B 17 -23.32 -12.88 4.08
CA GLN B 17 -24.22 -12.60 5.20
C GLN B 17 -25.42 -11.79 4.73
N ARG B 18 -25.16 -10.68 4.06
CA ARG B 18 -26.22 -9.82 3.55
C ARG B 18 -26.81 -10.42 2.30
N ALA B 19 -27.95 -9.87 1.92
CA ALA B 19 -28.61 -10.18 0.65
C ALA B 19 -28.20 -9.19 -0.43
N ASP B 20 -27.28 -8.29 -0.10
CA ASP B 20 -26.70 -7.36 -1.07
C ASP B 20 -25.17 -7.49 -1.15
N ALA B 21 -24.66 -7.33 -2.36
CA ALA B 21 -23.23 -7.28 -2.62
C ALA B 21 -22.75 -5.90 -2.19
N GLU B 22 -21.52 -5.85 -1.70
CA GLU B 22 -20.92 -4.58 -1.30
C GLU B 22 -19.48 -4.49 -1.79
N MET B 23 -19.02 -3.27 -2.09
CA MET B 23 -17.64 -2.98 -2.48
C MET B 23 -16.89 -2.35 -1.31
N ARG B 24 -16.30 -3.20 -0.48
CA ARG B 24 -15.67 -2.72 0.73
C ARG B 24 -14.19 -2.54 0.48
N PRO B 25 -13.57 -1.65 1.27
CA PRO B 25 -12.16 -1.40 1.08
C PRO B 25 -11.29 -2.57 1.51
N ARG B 26 -10.11 -2.65 0.92
CA ARG B 26 -9.06 -3.54 1.40
C ARG B 26 -8.46 -2.93 2.64
N LEU B 27 -8.27 -3.77 3.66
CA LEU B 27 -7.71 -3.34 4.94
C LEU B 27 -6.35 -3.97 5.20
N ASP B 28 -5.64 -4.31 4.13
CA ASP B 28 -4.34 -4.96 4.22
C ASP B 28 -3.45 -4.38 3.15
N PRO B 29 -2.14 -4.27 3.45
CA PRO B 29 -1.23 -4.01 2.37
C PRO B 29 -1.44 -5.03 1.25
N VAL B 30 -0.92 -4.70 0.07
CA VAL B 30 -0.75 -5.67 -0.99
C VAL B 30 0.69 -6.19 -0.94
N VAL B 31 1.63 -5.29 -0.70
CA VAL B 31 3.04 -5.61 -0.56
C VAL B 31 3.36 -5.37 0.91
N HIS B 32 3.87 -6.39 1.58
CA HIS B 32 3.95 -6.35 3.05
C HIS B 32 5.41 -6.12 3.48
N SER B 33 6.27 -5.67 2.57
CA SER B 33 7.69 -5.45 2.81
C SER B 33 8.04 -4.06 2.28
N GLU B 34 9.16 -3.50 2.73
CA GLU B 34 9.69 -2.25 2.16
C GLU B 34 10.67 -2.69 1.10
N TRP B 35 10.66 -2.05 -0.06
CA TRP B 35 11.58 -2.43 -1.12
C TRP B 35 12.98 -1.91 -0.85
N THR B 36 14.00 -2.77 -1.03
CA THR B 36 15.44 -2.36 -1.11
C THR B 36 16.13 -3.14 -2.21
N ASN B 37 17.46 -3.04 -2.34
CA ASN B 37 18.22 -3.79 -3.37
C ASN B 37 18.24 -5.26 -3.10
N ASP B 38 18.26 -5.57 -1.82
CA ASP B 38 18.38 -6.95 -1.43
C ASP B 38 17.12 -7.80 -1.75
N ALA B 39 16.07 -7.17 -2.33
CA ALA B 39 14.79 -7.84 -2.68
C ALA B 39 14.90 -8.54 -4.02
N PRO B 40 14.03 -9.56 -4.26
CA PRO B 40 14.10 -10.45 -5.43
C PRO B 40 13.32 -10.01 -6.66
N ILE B 41 12.73 -8.82 -6.62
CA ILE B 41 12.14 -8.22 -7.80
C ILE B 41 12.45 -6.73 -7.77
N SER B 42 12.30 -6.05 -8.90
CA SER B 42 12.59 -4.64 -8.99
C SER B 42 11.61 -3.75 -8.19
N ALA B 43 11.96 -2.49 -8.04
CA ALA B 43 11.07 -1.61 -7.31
C ALA B 43 9.77 -1.38 -8.12
N ARG B 44 9.89 -1.27 -9.45
CA ARG B 44 8.73 -1.14 -10.35
C ARG B 44 7.84 -2.38 -10.41
N GLN B 45 8.47 -3.54 -10.37
CA GLN B 45 7.74 -4.77 -10.35
C GLN B 45 6.97 -4.85 -9.06
N ALA B 46 7.63 -4.48 -7.98
CA ALA B 46 6.94 -4.41 -6.68
C ALA B 46 5.78 -3.41 -6.73
N ALA B 47 6.02 -2.21 -7.23
CA ALA B 47 4.96 -1.20 -7.31
C ALA B 47 3.80 -1.65 -8.20
N ALA B 48 4.11 -2.36 -9.28
CA ALA B 48 3.12 -2.86 -10.20
C ALA B 48 2.33 -4.01 -9.59
N PHE B 49 2.97 -4.84 -8.77
CA PHE B 49 2.16 -5.82 -8.02
C PHE B 49 1.14 -5.14 -7.11
N ASP B 50 1.58 -4.07 -6.49
CA ASP B 50 0.76 -3.28 -5.60
C ASP B 50 -0.40 -2.67 -6.35
N ARG B 51 -0.13 -2.11 -7.52
CA ARG B 51 -1.10 -1.35 -8.28
C ARG B 51 -2.04 -2.31 -9.03
N ASP B 52 -1.50 -3.33 -9.71
CA ASP B 52 -2.30 -4.25 -10.54
C ASP B 52 -2.75 -5.53 -9.82
N GLY B 53 -2.03 -5.92 -8.78
CA GLY B 53 -2.33 -7.18 -8.16
C GLY B 53 -1.81 -8.40 -8.90
N TYR B 54 -0.93 -8.21 -9.88
CA TYR B 54 -0.27 -9.33 -10.52
C TYR B 54 1.02 -8.84 -11.19
N ILE B 55 1.92 -9.77 -11.47
CA ILE B 55 3.04 -9.51 -12.38
C ILE B 55 3.41 -10.84 -13.04
N VAL B 56 4.20 -10.75 -14.12
CA VAL B 56 4.58 -11.90 -14.92
C VAL B 56 6.10 -12.02 -14.86
N LEU B 57 6.58 -13.17 -14.39
CA LEU B 57 8.01 -13.45 -14.35
C LEU B 57 8.35 -14.37 -15.53
N GLU B 58 9.21 -13.87 -16.43
CA GLU B 58 9.57 -14.55 -17.67
C GLU B 58 11.04 -14.94 -17.64
N ASP B 59 11.37 -16.06 -18.28
CA ASP B 59 12.77 -16.49 -18.50
C ASP B 59 13.53 -16.72 -17.19
N ILE B 60 12.88 -17.32 -16.21
CA ILE B 60 13.55 -17.51 -14.91
C ILE B 60 13.97 -18.96 -14.68
N PHE B 61 13.53 -19.81 -15.59
CA PHE B 61 13.87 -21.22 -15.66
C PHE B 61 14.51 -21.53 -17.01
N SER B 62 15.63 -22.23 -16.99
CA SER B 62 16.23 -22.81 -18.20
C SER B 62 15.21 -23.70 -18.93
N ALA B 63 15.37 -23.82 -20.25
CA ALA B 63 14.51 -24.73 -21.03
C ALA B 63 14.69 -26.18 -20.59
N ASP B 64 15.88 -26.51 -20.10
CA ASP B 64 16.11 -27.81 -19.49
C ASP B 64 15.16 -28.01 -18.32
N GLU B 65 15.13 -27.00 -17.43
CA GLU B 65 14.26 -26.97 -16.24
C GLU B 65 12.75 -26.95 -16.56
N VAL B 66 12.37 -26.24 -17.61
CA VAL B 66 11.01 -26.29 -18.14
C VAL B 66 10.68 -27.72 -18.55
N ALA B 67 11.50 -28.27 -19.45
CA ALA B 67 11.33 -29.63 -19.98
C ALA B 67 11.18 -30.62 -18.84
N PHE B 68 12.07 -30.50 -17.86
CA PHE B 68 12.02 -31.34 -16.68
C PHE B 68 10.67 -31.23 -15.98
N LEU B 69 10.17 -30.02 -15.81
CA LEU B 69 8.93 -29.85 -15.13
C LEU B 69 7.77 -30.43 -15.94
N GLN B 70 7.80 -30.25 -17.26
CA GLN B 70 6.73 -30.81 -18.11
C GLN B 70 6.70 -32.30 -17.94
N LYS B 71 7.91 -32.89 -17.91
CA LYS B 71 8.04 -34.34 -17.81
C LYS B 71 7.41 -34.85 -16.52
N ALA B 72 7.85 -34.33 -15.39
CA ALA B 72 7.32 -34.77 -14.08
C ALA B 72 5.79 -34.72 -14.03
N ALA B 73 5.26 -33.66 -14.63
CA ALA B 73 3.82 -33.40 -14.68
C ALA B 73 3.11 -34.50 -15.44
N GLY B 74 3.55 -34.76 -16.66
CA GLY B 74 3.08 -35.87 -17.47
C GLY B 74 3.05 -37.18 -16.72
N ASN B 75 4.15 -37.50 -16.07
CA ASN B 75 4.19 -38.77 -15.31
C ASN B 75 3.19 -38.82 -14.17
N LEU B 76 2.90 -37.66 -13.57
CA LEU B 76 1.93 -37.61 -12.48
C LEU B 76 0.48 -37.76 -12.97
N LEU B 77 0.15 -37.10 -14.07
CA LEU B 77 -1.18 -37.20 -14.69
C LEU B 77 -1.44 -38.62 -15.21
N ALA B 78 -0.38 -39.30 -15.65
CA ALA B 78 -0.50 -40.65 -16.19
C ALA B 78 -0.73 -41.74 -15.13
N ASP B 79 -0.62 -41.41 -13.84
CA ASP B 79 -0.60 -42.42 -12.77
C ASP B 79 -1.48 -42.12 -11.55
N PRO B 80 -2.82 -42.08 -11.74
CA PRO B 80 -3.80 -41.92 -10.62
C PRO B 80 -3.70 -42.96 -9.49
N ALA B 81 -3.09 -44.11 -9.78
CA ALA B 81 -2.87 -45.16 -8.78
C ALA B 81 -1.84 -44.76 -7.72
N ALA B 82 -0.71 -44.22 -8.17
CA ALA B 82 0.39 -43.85 -7.26
C ALA B 82 -0.01 -42.93 -6.08
N LEU B 83 -1.11 -42.18 -6.24
CA LEU B 83 -1.43 -41.05 -5.38
C LEU B 83 -2.58 -41.33 -4.41
N ASP B 84 -3.04 -40.26 -3.76
CA ASP B 84 -4.17 -40.30 -2.86
C ASP B 84 -5.35 -39.99 -3.74
N ALA B 85 -6.14 -41.01 -4.07
CA ALA B 85 -7.30 -40.84 -4.94
C ALA B 85 -8.17 -39.63 -4.58
N ASP B 86 -8.23 -39.29 -3.28
CA ASP B 86 -9.00 -38.14 -2.78
C ASP B 86 -8.60 -36.74 -3.35
N THR B 87 -7.34 -36.59 -3.77
CA THR B 87 -6.80 -35.33 -4.30
C THR B 87 -6.85 -35.23 -5.82
N ILE B 88 -7.45 -36.24 -6.46
CA ILE B 88 -7.61 -36.25 -7.91
C ILE B 88 -8.98 -35.69 -8.23
N VAL B 89 -9.06 -34.78 -9.20
CA VAL B 89 -10.35 -34.35 -9.74
C VAL B 89 -10.40 -34.72 -11.20
N THR B 90 -11.57 -35.20 -11.63
CA THR B 90 -11.72 -35.74 -12.97
C THR B 90 -12.88 -35.07 -13.69
N GLU B 91 -12.92 -35.29 -15.00
CA GLU B 91 -14.08 -34.94 -15.81
C GLU B 91 -15.24 -35.83 -15.32
N PRO B 92 -16.39 -35.23 -14.90
CA PRO B 92 -17.50 -36.08 -14.39
C PRO B 92 -18.22 -36.95 -15.42
N GLN B 93 -18.24 -36.54 -16.69
CA GLN B 93 -18.76 -37.38 -17.79
C GLN B 93 -17.80 -38.54 -18.06
N SER B 94 -16.51 -38.32 -17.85
CA SER B 94 -15.47 -39.22 -18.31
C SER B 94 -14.59 -39.76 -17.16
N ASN B 95 -13.61 -40.59 -17.52
CA ASN B 95 -12.65 -41.22 -16.59
C ASN B 95 -11.42 -40.31 -16.31
N GLU B 96 -11.35 -39.15 -16.98
CA GLU B 96 -10.07 -38.45 -17.22
C GLU B 96 -9.73 -37.34 -16.20
N ILE B 97 -8.43 -37.23 -15.90
CA ILE B 97 -7.92 -36.37 -14.85
C ILE B 97 -7.89 -34.92 -15.27
N ARG B 98 -8.22 -34.00 -14.36
CA ARG B 98 -8.09 -32.57 -14.63
C ARG B 98 -7.18 -31.89 -13.61
N SER B 99 -7.52 -32.01 -12.33
CA SER B 99 -6.69 -31.42 -11.31
C SER B 99 -6.10 -32.46 -10.34
N ILE B 100 -4.84 -32.24 -9.96
CA ILE B 100 -4.21 -32.93 -8.84
C ILE B 100 -3.82 -31.95 -7.72
N PHE B 101 -4.58 -31.96 -6.63
CA PHE B 101 -4.28 -31.14 -5.46
C PHE B 101 -3.18 -31.77 -4.64
N GLU B 102 -2.58 -30.96 -3.78
CA GLU B 102 -1.50 -31.36 -2.86
C GLU B 102 -0.20 -31.84 -3.53
N ILE B 103 0.00 -31.47 -4.79
CA ILE B 103 1.17 -31.92 -5.52
C ILE B 103 2.50 -31.56 -4.85
N HIS B 104 2.52 -30.44 -4.13
CA HIS B 104 3.74 -30.04 -3.45
C HIS B 104 4.10 -31.06 -2.35
N ALA B 105 3.14 -31.88 -1.95
CA ALA B 105 3.34 -32.84 -0.88
C ALA B 105 3.07 -34.29 -1.34
N GLN B 106 3.03 -34.51 -2.65
CA GLN B 106 2.91 -35.85 -3.23
C GLN B 106 3.92 -36.09 -4.32
N SER B 107 4.80 -35.12 -4.55
CA SER B 107 5.67 -35.15 -5.71
C SER B 107 6.90 -34.36 -5.39
N PRO B 108 8.05 -35.04 -5.39
CA PRO B 108 9.32 -34.43 -4.98
C PRO B 108 9.68 -33.20 -5.78
N VAL B 109 9.56 -33.29 -7.10
CA VAL B 109 9.93 -32.17 -7.99
C VAL B 109 9.08 -30.93 -7.65
N MET B 110 7.78 -31.13 -7.50
CA MET B 110 6.88 -30.05 -7.17
C MET B 110 7.23 -29.39 -5.84
N ALA B 111 7.30 -30.18 -4.77
CA ALA B 111 7.92 -29.71 -3.53
C ALA B 111 9.22 -28.89 -3.79
N ARG B 112 10.08 -29.39 -4.68
CA ARG B 112 11.32 -28.70 -4.96
C ARG B 112 11.10 -27.37 -5.71
N LEU B 113 10.11 -27.36 -6.59
CA LEU B 113 9.67 -26.17 -7.31
C LEU B 113 9.16 -25.16 -6.30
N ALA B 114 8.28 -25.60 -5.41
CA ALA B 114 7.64 -24.71 -4.46
C ALA B 114 8.69 -24.05 -3.59
N ALA B 115 9.71 -24.84 -3.23
CA ALA B 115 10.75 -24.39 -2.30
C ALA B 115 11.78 -23.49 -2.98
N ASP B 116 11.77 -23.45 -4.31
CA ASP B 116 12.82 -22.79 -5.04
C ASP B 116 12.80 -21.30 -4.73
N ALA B 117 13.97 -20.79 -4.39
CA ALA B 117 14.15 -19.40 -4.02
C ALA B 117 13.49 -18.43 -5.01
N ARG B 118 13.53 -18.78 -6.29
CA ARG B 118 13.07 -17.87 -7.35
C ARG B 118 11.60 -17.58 -7.21
N LEU B 119 10.87 -18.50 -6.60
CA LEU B 119 9.46 -18.34 -6.30
C LEU B 119 9.30 -17.97 -4.83
N ALA B 120 9.81 -18.85 -3.97
CA ALA B 120 9.70 -18.72 -2.53
C ALA B 120 10.18 -17.39 -1.97
N ASP B 121 11.33 -16.88 -2.41
CA ASP B 121 11.82 -15.56 -1.93
C ASP B 121 10.88 -14.43 -2.33
N VAL B 122 10.29 -14.57 -3.51
CA VAL B 122 9.43 -13.54 -4.02
C VAL B 122 8.20 -13.49 -3.12
N ALA B 123 7.67 -14.67 -2.81
CA ALA B 123 6.56 -14.76 -1.88
C ALA B 123 6.86 -14.18 -0.47
N ARG B 124 8.04 -14.48 0.06
CA ARG B 124 8.40 -14.05 1.41
C ARG B 124 8.55 -12.54 1.39
N PHE B 125 9.14 -12.03 0.30
CA PHE B 125 9.18 -10.59 0.08
C PHE B 125 7.77 -9.94 -0.05
N LEU B 126 6.96 -10.44 -0.97
CA LEU B 126 5.64 -9.85 -1.20
C LEU B 126 4.70 -10.00 0.01
N LEU B 127 4.89 -11.06 0.80
CA LEU B 127 4.08 -11.27 1.99
C LEU B 127 4.79 -10.86 3.31
N GLY B 128 6.06 -10.44 3.25
CA GLY B 128 6.77 -9.95 4.45
C GLY B 128 6.61 -10.89 5.64
N ASP B 129 6.98 -12.14 5.40
CA ASP B 129 6.90 -13.16 6.41
C ASP B 129 7.47 -14.42 5.77
N GLU B 130 7.80 -15.42 6.58
CA GLU B 130 8.11 -16.70 6.01
C GLU B 130 6.72 -17.24 5.60
N VAL B 131 6.75 -18.23 4.71
CA VAL B 131 5.57 -18.73 4.02
C VAL B 131 5.46 -20.26 4.09
N TYR B 132 4.24 -20.74 4.04
CA TYR B 132 4.01 -22.16 3.76
C TYR B 132 3.03 -22.28 2.60
N ILE B 133 2.85 -23.50 2.12
CA ILE B 133 1.91 -23.75 1.04
C ILE B 133 0.53 -23.96 1.55
N HIS B 134 -0.44 -23.20 1.04
CA HIS B 134 -1.85 -23.28 1.48
C HIS B 134 -2.59 -24.30 0.64
N GLN B 135 -2.23 -24.37 -0.63
CA GLN B 135 -2.89 -25.23 -1.61
C GLN B 135 -1.94 -25.34 -2.77
N SER B 136 -1.94 -26.48 -3.45
CA SER B 136 -1.21 -26.60 -4.70
C SER B 136 -2.03 -27.44 -5.64
N ARG B 137 -1.81 -27.26 -6.94
CA ARG B 137 -2.62 -27.92 -7.97
C ARG B 137 -1.78 -28.09 -9.16
N LEU B 138 -1.90 -29.26 -9.76
CA LEU B 138 -1.46 -29.49 -11.09
C LEU B 138 -2.73 -29.52 -11.89
N ASN B 139 -2.82 -28.67 -12.90
CA ASN B 139 -3.99 -28.62 -13.76
C ASN B 139 -3.66 -29.09 -15.16
N TYR B 140 -4.66 -29.64 -15.84
CA TYR B 140 -4.64 -29.88 -17.28
C TYR B 140 -6.03 -29.61 -17.81
N LYS B 141 -6.17 -28.60 -18.67
CA LYS B 141 -7.40 -28.34 -19.44
C LYS B 141 -7.19 -28.80 -20.90
N PRO B 142 -7.91 -29.86 -21.31
CA PRO B 142 -7.70 -30.32 -22.68
C PRO B 142 -8.28 -29.32 -23.68
N GLY B 143 -8.02 -29.56 -24.96
CA GLY B 143 -8.55 -28.75 -26.04
C GLY B 143 -9.93 -29.23 -26.48
N PHE B 144 -10.58 -28.47 -27.36
CA PHE B 144 -11.91 -28.81 -27.89
C PHE B 144 -13.04 -28.75 -26.85
N LYS B 145 -12.74 -29.20 -25.64
CA LYS B 145 -13.73 -29.44 -24.59
C LYS B 145 -13.49 -28.58 -23.33
N GLY B 146 -12.44 -27.76 -23.32
CA GLY B 146 -12.06 -26.97 -22.15
C GLY B 146 -13.19 -26.08 -21.64
N ARG B 147 -13.41 -26.09 -20.34
CA ARG B 147 -14.52 -25.37 -19.69
C ARG B 147 -14.09 -23.97 -19.23
N GLU B 148 -15.08 -23.12 -18.98
CA GLU B 148 -14.80 -21.85 -18.36
C GLU B 148 -14.53 -21.98 -16.85
N PHE B 149 -13.95 -20.95 -16.26
CA PHE B 149 -13.89 -20.80 -14.83
C PHE B 149 -14.36 -19.38 -14.59
N TYR B 150 -15.59 -19.27 -14.07
CA TYR B 150 -16.20 -17.97 -13.83
C TYR B 150 -15.39 -17.09 -12.83
N TRP B 151 -15.61 -15.78 -12.97
CA TRP B 151 -14.97 -14.76 -12.17
C TRP B 151 -15.03 -15.07 -10.70
N HIS B 152 -13.88 -14.96 -10.03
CA HIS B 152 -13.84 -15.03 -8.58
C HIS B 152 -12.56 -14.47 -7.96
N SER B 153 -12.67 -14.21 -6.65
CA SER B 153 -11.51 -13.87 -5.84
C SER B 153 -11.24 -15.08 -4.98
N ASP B 154 -10.05 -15.65 -5.13
CA ASP B 154 -9.66 -16.76 -4.28
C ASP B 154 -9.88 -16.35 -2.84
N PHE B 155 -9.46 -15.17 -2.44
CA PHE B 155 -9.55 -14.82 -1.04
C PHE B 155 -10.94 -15.04 -0.45
N GLU B 156 -11.97 -14.62 -1.18
CA GLU B 156 -13.33 -14.68 -0.64
C GLU B 156 -13.64 -16.07 -0.09
N THR B 157 -13.36 -17.10 -0.89
CA THR B 157 -13.49 -18.51 -0.50
C THR B 157 -12.49 -18.92 0.61
N TRP B 158 -11.21 -18.59 0.47
CA TRP B 158 -10.29 -18.92 1.52
C TRP B 158 -10.69 -18.27 2.86
N HIS B 159 -11.43 -17.15 2.82
CA HIS B 159 -11.89 -16.48 4.06
C HIS B 159 -13.16 -17.11 4.60
N VAL B 160 -14.18 -17.28 3.76
CA VAL B 160 -15.48 -17.80 4.21
C VAL B 160 -15.47 -19.32 4.48
N GLU B 161 -14.64 -20.07 3.75
CA GLU B 161 -14.68 -21.53 3.81
C GLU B 161 -13.45 -22.15 4.47
N ASP B 162 -12.32 -21.44 4.54
CA ASP B 162 -11.12 -21.91 5.30
C ASP B 162 -10.67 -20.96 6.41
N GLY B 163 -11.37 -19.83 6.57
CA GLY B 163 -11.09 -18.92 7.65
C GLY B 163 -9.71 -18.34 7.58
N MET B 164 -9.24 -18.04 6.36
CA MET B 164 -8.04 -17.21 6.17
C MET B 164 -8.40 -15.80 6.61
N PRO B 165 -7.73 -15.27 7.65
CA PRO B 165 -8.29 -14.06 8.23
C PRO B 165 -7.92 -12.80 7.47
N ARG B 166 -6.67 -12.69 7.00
CA ARG B 166 -6.20 -11.50 6.26
C ARG B 166 -5.73 -11.77 4.82
N MET B 167 -5.85 -10.77 3.95
CA MET B 167 -5.26 -10.82 2.63
C MET B 167 -3.72 -10.77 2.73
N ARG B 168 -3.08 -11.93 2.85
CA ARG B 168 -1.62 -11.99 3.05
C ARG B 168 -1.14 -13.32 2.39
N ALA B 169 -1.60 -13.50 1.15
CA ALA B 169 -1.31 -14.71 0.37
C ALA B 169 -1.28 -14.39 -1.13
N LEU B 170 -0.52 -15.17 -1.88
CA LEU B 170 -0.49 -15.03 -3.32
C LEU B 170 -0.40 -16.37 -4.00
N SER B 171 -0.88 -16.44 -5.23
CA SER B 171 -0.89 -17.65 -6.02
C SER B 171 0.12 -17.47 -7.11
N MET B 172 0.72 -18.58 -7.51
CA MET B 172 1.65 -18.56 -8.62
C MET B 172 1.26 -19.67 -9.57
N SER B 173 1.29 -19.31 -10.84
CA SER B 173 0.96 -20.20 -11.92
C SER B 173 2.16 -20.33 -12.84
N VAL B 174 2.79 -21.49 -12.79
CA VAL B 174 3.86 -21.84 -13.72
C VAL B 174 3.25 -22.51 -14.95
N LEU B 175 3.20 -21.80 -16.06
CA LEU B 175 2.62 -22.39 -17.26
C LEU B 175 3.47 -23.63 -17.71
N LEU B 176 2.79 -24.70 -18.13
CA LEU B 176 3.47 -25.90 -18.64
C LEU B 176 3.26 -26.12 -20.14
N ALA B 177 2.09 -25.75 -20.62
CA ALA B 177 1.86 -25.60 -22.04
C ALA B 177 1.79 -24.14 -22.38
N GLU B 178 2.32 -23.84 -23.56
CA GLU B 178 2.02 -22.60 -24.33
C GLU B 178 0.59 -22.04 -24.09
N ASN B 179 0.51 -20.82 -23.53
CA ASN B 179 -0.75 -20.02 -23.49
C ASN B 179 -0.84 -18.92 -24.56
N THR B 180 -1.88 -19.00 -25.41
CA THR B 180 -2.09 -18.00 -26.45
C THR B 180 -3.31 -17.17 -26.09
N PRO B 181 -3.68 -16.22 -26.94
CA PRO B 181 -4.90 -15.55 -26.52
C PRO B 181 -6.13 -16.42 -26.76
N HIS B 182 -5.97 -17.53 -27.49
CA HIS B 182 -7.11 -18.21 -28.09
C HIS B 182 -7.59 -19.39 -27.30
N ASN B 183 -6.74 -19.91 -26.42
CA ASN B 183 -7.09 -21.12 -25.71
C ASN B 183 -7.49 -20.88 -24.26
N GLY B 184 -8.26 -19.82 -24.03
CA GLY B 184 -8.86 -19.62 -22.71
C GLY B 184 -7.85 -19.39 -21.62
N PRO B 185 -6.95 -18.41 -21.81
CA PRO B 185 -5.97 -18.09 -20.80
C PRO B 185 -6.62 -17.47 -19.59
N LEU B 186 -5.91 -17.52 -18.46
CA LEU B 186 -6.24 -16.76 -17.27
C LEU B 186 -6.39 -15.26 -17.57
N MET B 187 -7.56 -14.72 -17.22
CA MET B 187 -7.87 -13.33 -17.40
C MET B 187 -8.00 -12.71 -16.03
N VAL B 188 -7.49 -11.49 -15.89
CA VAL B 188 -7.67 -10.76 -14.64
C VAL B 188 -8.25 -9.37 -14.88
N ILE B 189 -8.81 -8.80 -13.82
CA ILE B 189 -9.18 -7.40 -13.78
C ILE B 189 -8.11 -6.68 -12.95
N PRO B 190 -7.16 -6.03 -13.63
CA PRO B 190 -6.10 -5.35 -12.87
C PRO B 190 -6.67 -4.35 -11.86
N GLY B 191 -6.09 -4.29 -10.69
CA GLY B 191 -6.54 -3.35 -9.67
C GLY B 191 -7.69 -3.77 -8.78
N SER B 192 -8.35 -4.88 -9.11
CA SER B 192 -9.57 -5.33 -8.40
C SER B 192 -9.28 -5.90 -7.05
N HIS B 193 -8.03 -6.34 -6.88
CA HIS B 193 -7.57 -6.80 -5.58
C HIS B 193 -7.68 -5.79 -4.42
N ARG B 194 -8.05 -4.55 -4.72
CA ARG B 194 -8.15 -3.53 -3.67
C ARG B 194 -9.58 -3.34 -3.21
N THR B 195 -10.52 -3.95 -3.91
CA THR B 195 -11.92 -3.99 -3.48
C THR B 195 -12.25 -5.42 -2.99
N TYR B 196 -12.85 -5.54 -1.81
CA TYR B 196 -13.49 -6.78 -1.41
C TYR B 196 -14.97 -6.74 -1.83
N LEU B 197 -15.34 -7.71 -2.66
CA LEU B 197 -16.66 -7.79 -3.25
C LEU B 197 -17.44 -8.90 -2.52
N THR B 198 -18.35 -8.48 -1.66
CA THR B 198 -19.11 -9.46 -0.91
C THR B 198 -19.99 -10.19 -1.92
N CYS B 199 -20.27 -11.44 -1.60
CA CYS B 199 -21.25 -12.23 -2.27
C CYS B 199 -22.49 -12.43 -1.38
N VAL B 200 -23.65 -12.59 -2.03
CA VAL B 200 -25.00 -12.52 -1.42
C VAL B 200 -25.35 -13.64 -0.43
N GLY B 218 -21.40 -18.37 -3.40
CA GLY B 218 -20.23 -17.50 -3.20
C GLY B 218 -19.71 -16.93 -4.51
N VAL B 219 -20.61 -16.30 -5.26
CA VAL B 219 -20.35 -15.94 -6.63
C VAL B 219 -20.60 -14.45 -6.82
N PRO B 220 -19.62 -13.71 -7.36
CA PRO B 220 -19.84 -12.31 -7.46
C PRO B 220 -20.82 -11.98 -8.58
N ASP B 221 -21.46 -10.83 -8.44
CA ASP B 221 -22.61 -10.42 -9.25
C ASP B 221 -22.22 -9.64 -10.50
N GLU B 222 -23.07 -9.74 -11.50
CA GLU B 222 -22.83 -9.15 -12.79
C GLU B 222 -22.65 -7.61 -12.72
N GLU B 223 -23.50 -6.95 -11.96
CA GLU B 223 -23.49 -5.49 -11.90
C GLU B 223 -22.16 -5.04 -11.40
N SER B 224 -21.73 -5.60 -10.26
CA SER B 224 -20.42 -5.32 -9.70
C SER B 224 -19.28 -5.69 -10.61
N LEU B 225 -19.35 -6.88 -11.19
CA LEU B 225 -18.33 -7.28 -12.15
C LEU B 225 -18.24 -6.32 -13.31
N ALA B 226 -19.37 -5.84 -13.81
CA ALA B 226 -19.32 -4.81 -14.87
C ALA B 226 -18.57 -3.53 -14.44
N GLU B 227 -18.76 -3.07 -13.21
CA GLU B 227 -18.18 -1.80 -12.75
C GLU B 227 -16.67 -1.94 -12.63
N LEU B 228 -16.22 -3.01 -12.00
CA LEU B 228 -14.79 -3.25 -11.87
C LEU B 228 -14.14 -3.30 -13.25
N ALA B 229 -14.69 -4.13 -14.11
CA ALA B 229 -14.25 -4.23 -15.49
C ALA B 229 -14.34 -2.93 -16.29
N HIS B 230 -15.46 -2.24 -16.21
CA HIS B 230 -15.59 -0.98 -16.95
C HIS B 230 -14.45 -0.06 -16.41
N ARG B 231 -14.18 -0.10 -15.11
CA ARG B 231 -13.22 0.82 -14.53
C ARG B 231 -11.77 0.45 -14.86
N HIS B 232 -11.48 -0.85 -14.88
CA HIS B 232 -10.09 -1.35 -14.81
C HIS B 232 -9.62 -2.12 -16.07
N GLY B 233 -10.55 -2.58 -16.87
CA GLY B 233 -10.23 -3.31 -18.08
C GLY B 233 -10.04 -4.75 -17.71
N ILE B 234 -9.61 -5.53 -18.70
CA ILE B 234 -9.29 -6.91 -18.48
C ILE B 234 -8.02 -7.24 -19.22
N VAL B 235 -7.17 -8.02 -18.59
CA VAL B 235 -5.91 -8.41 -19.17
C VAL B 235 -5.75 -9.93 -19.03
N ALA B 236 -5.05 -10.52 -19.99
CA ALA B 236 -4.88 -11.95 -20.02
C ALA B 236 -3.42 -12.20 -20.39
N PRO B 237 -2.53 -12.34 -19.40
CA PRO B 237 -1.12 -12.68 -19.64
C PRO B 237 -0.93 -14.05 -20.30
N THR B 238 -0.12 -14.05 -21.36
CA THR B 238 0.22 -15.22 -22.15
C THR B 238 1.70 -15.46 -21.94
N GLY B 239 2.21 -16.55 -22.51
CA GLY B 239 3.59 -16.91 -22.27
C GLY B 239 3.95 -18.33 -22.68
N LYS B 240 5.22 -18.50 -22.97
CA LYS B 240 5.75 -19.82 -23.24
C LYS B 240 5.85 -20.61 -21.92
N PRO B 241 5.98 -21.93 -22.01
CA PRO B 241 6.12 -22.68 -20.75
C PRO B 241 7.27 -22.18 -19.87
N GLY B 242 7.07 -22.29 -18.57
CA GLY B 242 8.05 -21.74 -17.63
C GLY B 242 7.69 -20.36 -17.12
N THR B 243 6.88 -19.63 -17.88
CA THR B 243 6.43 -18.32 -17.48
C THR B 243 5.64 -18.43 -16.17
N VAL B 244 5.85 -17.45 -15.29
CA VAL B 244 5.13 -17.42 -14.04
C VAL B 244 4.23 -16.21 -13.92
N ILE B 245 3.00 -16.48 -13.52
CA ILE B 245 2.03 -15.45 -13.24
C ILE B 245 1.74 -15.47 -11.73
N LEU B 246 2.12 -14.40 -11.03
CA LEU B 246 1.77 -14.26 -9.62
C LEU B 246 0.55 -13.40 -9.50
N PHE B 247 -0.35 -13.74 -8.61
CA PHE B 247 -1.44 -12.85 -8.38
C PHE B 247 -1.88 -12.90 -6.93
N ASP B 248 -2.39 -11.74 -6.49
CA ASP B 248 -2.73 -11.54 -5.10
C ASP B 248 -3.98 -12.32 -4.75
N CYS B 249 -4.05 -12.81 -3.52
CA CYS B 249 -5.19 -13.62 -3.10
C CYS B 249 -6.53 -13.03 -3.49
N ASN B 250 -6.69 -11.72 -3.37
CA ASN B 250 -8.01 -11.11 -3.62
C ASN B 250 -8.27 -10.62 -5.06
N LEU B 251 -7.35 -10.86 -5.99
CA LEU B 251 -7.51 -10.39 -7.37
C LEU B 251 -8.63 -11.17 -8.08
N MET B 252 -9.56 -10.46 -8.72
CA MET B 252 -10.69 -11.04 -9.43
C MET B 252 -10.25 -11.59 -10.79
N HIS B 253 -10.52 -12.86 -11.03
CA HIS B 253 -9.99 -13.55 -12.20
C HIS B 253 -10.85 -14.72 -12.67
N GLY B 254 -10.62 -15.12 -13.92
CA GLY B 254 -11.24 -16.32 -14.47
C GLY B 254 -10.76 -16.61 -15.87
N SER B 255 -11.55 -17.41 -16.59
CA SER B 255 -11.19 -17.75 -17.97
C SER B 255 -12.35 -18.31 -18.77
N ASN B 256 -12.30 -18.13 -20.09
CA ASN B 256 -13.30 -18.73 -20.96
C ASN B 256 -12.92 -20.16 -21.18
N GLY B 257 -13.78 -20.88 -21.87
CA GLY B 257 -13.44 -22.20 -22.32
C GLY B 257 -12.38 -22.21 -23.41
N ASN B 258 -12.19 -23.39 -23.97
CA ASN B 258 -11.21 -23.61 -25.03
C ASN B 258 -11.66 -24.66 -26.00
N ILE B 259 -12.09 -24.23 -27.18
CA ILE B 259 -12.42 -25.12 -28.29
C ILE B 259 -11.22 -25.35 -29.21
N THR B 260 -10.10 -24.69 -28.92
CA THR B 260 -8.93 -24.90 -29.76
C THR B 260 -8.33 -26.24 -29.43
N PRO B 261 -7.49 -26.77 -30.34
CA PRO B 261 -6.74 -28.02 -30.14
C PRO B 261 -5.64 -27.94 -29.12
N PHE B 262 -5.37 -26.76 -28.62
CA PHE B 262 -4.18 -26.60 -27.86
C PHE B 262 -4.60 -26.61 -26.39
N PRO B 263 -4.05 -27.57 -25.60
CA PRO B 263 -4.44 -27.67 -24.21
C PRO B 263 -3.82 -26.55 -23.39
N ARG B 264 -4.37 -26.35 -22.19
CA ARG B 264 -3.75 -25.55 -21.16
C ARG B 264 -3.27 -26.50 -20.02
N ALA B 265 -2.12 -26.19 -19.43
CA ALA B 265 -1.67 -26.90 -18.25
C ALA B 265 -0.81 -26.02 -17.43
N ASN B 266 -0.80 -26.25 -16.12
CA ASN B 266 0.02 -25.44 -15.22
C ASN B 266 0.16 -26.03 -13.83
N ALA B 267 1.20 -25.63 -13.13
CA ALA B 267 1.32 -25.94 -11.72
C ALA B 267 0.89 -24.73 -10.91
N PHE B 268 -0.14 -24.86 -10.11
CA PHE B 268 -0.69 -23.73 -9.33
C PHE B 268 -0.30 -23.85 -7.84
N LEU B 269 0.32 -22.81 -7.28
CA LEU B 269 0.86 -22.82 -5.90
C LEU B 269 0.43 -21.58 -5.11
N VAL B 270 -0.30 -21.78 -4.01
CA VAL B 270 -0.64 -20.69 -3.15
C VAL B 270 0.27 -20.62 -1.92
N TYR B 271 1.18 -19.62 -1.93
CA TYR B 271 1.95 -19.24 -0.73
C TYR B 271 1.12 -18.40 0.27
N ASN B 272 1.18 -18.76 1.55
CA ASN B 272 0.53 -17.99 2.62
C ASN B 272 1.50 -17.69 3.76
N ALA B 273 1.37 -16.53 4.36
CA ALA B 273 2.30 -16.12 5.37
C ALA B 273 2.04 -16.95 6.62
N VAL B 274 3.09 -17.43 7.29
CA VAL B 274 2.87 -18.19 8.52
C VAL B 274 2.12 -17.37 9.58
N SER B 275 2.34 -16.05 9.66
CA SER B 275 1.58 -15.27 10.66
C SER B 275 0.09 -15.24 10.33
N ASN B 276 -0.30 -15.61 9.10
CA ASN B 276 -1.69 -15.54 8.60
C ASN B 276 -2.35 -16.92 8.51
N ARG B 277 -1.87 -17.89 9.29
CA ARG B 277 -2.45 -19.26 9.31
C ARG B 277 -3.98 -19.28 9.52
N LEU B 278 -4.63 -20.33 9.04
CA LEU B 278 -6.10 -20.39 9.05
C LEU B 278 -6.67 -20.54 10.45
N GLU B 279 -7.85 -19.97 10.63
CA GLU B 279 -8.58 -20.08 11.86
C GLU B 279 -9.85 -20.80 11.50
N LYS B 280 -10.92 -20.57 12.23
CA LYS B 280 -12.14 -21.27 11.94
C LYS B 280 -12.93 -20.43 10.91
N PRO B 281 -13.53 -21.09 9.92
CA PRO B 281 -14.14 -20.40 8.79
C PRO B 281 -15.00 -19.24 9.22
N PHE B 282 -15.07 -18.21 8.36
CA PHE B 282 -15.96 -17.10 8.57
C PHE B 282 -17.24 -17.43 7.77
N GLY B 283 -17.93 -18.48 8.24
CA GLY B 283 -19.08 -19.06 7.54
C GLY B 283 -19.49 -20.34 8.25
N VAL B 284 -19.70 -21.43 7.51
CA VAL B 284 -20.21 -22.68 8.12
C VAL B 284 -19.50 -23.98 7.66
N GLU B 285 -18.65 -24.57 8.51
CA GLU B 285 -18.02 -25.87 8.18
C GLU B 285 -17.32 -26.53 9.37
N ARG B 288 -13.81 -27.77 5.65
CA ARG B 288 -13.44 -27.96 4.24
C ARG B 288 -12.20 -28.87 4.09
N PRO B 289 -12.24 -29.85 3.14
CA PRO B 289 -11.28 -30.97 3.04
C PRO B 289 -9.76 -30.69 3.00
N TRP B 290 -9.03 -31.32 3.93
CA TRP B 290 -7.63 -31.72 3.78
C TRP B 290 -6.85 -31.03 2.67
N PHE B 291 -7.17 -31.38 1.43
CA PHE B 291 -6.34 -31.07 0.26
C PHE B 291 -6.55 -29.69 -0.38
N LEU B 292 -7.58 -28.97 0.06
CA LEU B 292 -7.90 -27.63 -0.44
C LEU B 292 -7.32 -26.53 0.42
N ALA B 293 -6.88 -26.87 1.63
CA ALA B 293 -6.36 -25.88 2.56
C ALA B 293 -5.74 -26.55 3.78
N ARG B 294 -4.46 -26.20 4.03
CA ARG B 294 -3.65 -26.73 5.16
C ARG B 294 -4.02 -26.10 6.53
N ARG B 295 -4.52 -26.93 7.46
CA ARG B 295 -4.82 -26.53 8.85
C ARG B 295 -3.81 -27.16 9.82
N GLU B 297 -1.34 -25.47 12.11
CA GLU B 297 -0.22 -24.64 12.60
C GLU B 297 1.06 -25.01 11.86
N PRO B 298 1.18 -24.59 10.60
CA PRO B 298 2.22 -25.12 9.72
C PRO B 298 3.51 -24.32 9.84
N ALA B 299 4.65 -24.97 9.63
CA ALA B 299 5.98 -24.31 9.72
C ALA B 299 6.46 -23.66 8.41
N ALA B 300 7.30 -22.63 8.56
CA ALA B 300 7.96 -21.94 7.44
C ALA B 300 8.55 -22.90 6.45
N LEU B 301 8.44 -22.57 5.18
CA LEU B 301 9.01 -23.34 4.09
C LEU B 301 10.53 -23.18 4.07
N ARG B 302 11.28 -24.27 3.99
CA ARG B 302 12.74 -24.14 3.85
C ARG B 302 13.11 -23.85 2.39
N VAL B 303 13.58 -22.63 2.13
CA VAL B 303 13.89 -22.19 0.76
C VAL B 303 15.15 -22.89 0.23
N GLU B 304 15.04 -23.43 -0.99
CA GLU B 304 16.12 -24.16 -1.66
C GLU B 304 16.78 -23.36 -2.81
N ARG B 305 18.09 -23.13 -2.74
CA ARG B 305 18.80 -22.44 -3.83
C ARG B 305 19.23 -23.42 -4.90
N GLY B 306 19.57 -22.88 -6.07
CA GLY B 306 20.14 -23.63 -7.20
C GLY B 306 19.17 -24.28 -8.18
N PRO B 307 19.68 -24.71 -9.36
CA PRO B 307 18.87 -25.38 -10.40
C PRO B 307 18.13 -26.65 -9.94
N LEU B 308 17.13 -27.08 -10.71
CA LEU B 308 16.33 -28.29 -10.39
C LEU B 308 16.88 -29.53 -11.09
N VAL B 309 17.82 -29.31 -12.03
CA VAL B 309 18.38 -30.35 -12.89
C VAL B 309 19.55 -29.78 -13.68
FE FE C . 3.60 22.29 2.83
FE FE D . -8.94 -19.47 -8.72
CAC D9G E . 4.86 -4.90 17.73
CAD D9G E . 4.90 -3.78 16.69
CAE D9G E . 5.64 -4.17 15.41
CAF D9G E . 4.79 -5.03 14.46
CAG D9G E . 3.96 -4.22 13.45
CAH D9G E . 4.33 -4.47 11.97
CAI D9G E . 5.41 -3.52 11.42
CAJ D9G E . 6.10 -4.11 10.19
CAK D9G E . 7.03 -3.08 9.54
CAL D9G E . 7.15 -3.25 8.00
CAM D9G E . 8.59 -3.50 7.53
CAN D9G E . 8.75 -4.93 6.99
NAO D9G E . 10.13 -5.41 6.69
CAS D9G E . 11.13 -4.89 7.66
CAA D9G E . 10.10 -6.90 6.77
CAP D9G E . 10.50 -5.01 5.33
CAQ D9G E . 11.98 -5.18 5.02
OAB D9G E . 12.36 -6.28 4.54
OAR D9G E . 12.78 -4.25 5.24
#